data_1OOE
#
_entry.id   1OOE
#
_cell.length_a   41.926
_cell.length_b   50.892
_cell.length_c   58.770
_cell.angle_alpha   89.98
_cell.angle_beta   71.98
_cell.angle_gamma   82.05
#
_symmetry.space_group_name_H-M   'P 1'
#
loop_
_entity.id
_entity.type
_entity.pdbx_description
1 polymer 'Dihydropteridine reductase'
2 non-polymer '2-(N-MORPHOLINO)-ETHANESULFONIC ACID'
3 water water
#
_entity_poly.entity_id   1
_entity_poly.type   'polypeptide(L)'
_entity_poly.pdbx_seq_one_letter_code
;MSSGKVIVYGGKGALGSAILEFFKKNGYTVLNIDLSANDQADSNILVDGNKNWTEQEQSILEQTASSLQGSQVDGVFCVA
GGWAGGSASSKDFVKNADLMIKQSVWSSAIAAKLATTHLKPGGLLQLTGAAAAMGPTPSMIGYGMAKAAVHHLTSSLAAK
DSGLPDNSAVLTIMPVTLDTPMNRKWMPNADHSSWTPLSFISEHLLKWTTETSSRPSSGALLKITTENGTSTITPQ
;
_entity_poly.pdbx_strand_id   A,B
#
# COMPACT_ATOMS: atom_id res chain seq x y z
N SER A 2 29.98 -8.36 21.09
CA SER A 2 30.13 -9.78 20.70
C SER A 2 28.85 -10.56 21.01
N SER A 3 27.90 -9.91 21.66
CA SER A 3 26.63 -10.54 22.00
C SER A 3 25.82 -10.83 20.74
N GLY A 4 26.21 -10.19 19.63
CA GLY A 4 25.52 -10.39 18.38
C GLY A 4 25.50 -9.11 17.57
N LYS A 5 24.78 -9.12 16.45
CA LYS A 5 24.69 -7.95 15.60
C LYS A 5 23.23 -7.65 15.25
N VAL A 6 22.91 -6.37 15.15
CA VAL A 6 21.55 -5.96 14.79
C VAL A 6 21.60 -4.75 13.86
N ILE A 7 20.58 -4.63 13.03
CA ILE A 7 20.46 -3.52 12.10
C ILE A 7 19.30 -2.64 12.53
N VAL A 8 19.53 -1.33 12.60
CA VAL A 8 18.48 -0.39 12.96
C VAL A 8 18.31 0.54 11.76
N TYR A 9 17.19 0.38 11.06
CA TYR A 9 16.87 1.17 9.89
C TYR A 9 16.06 2.34 10.45
N GLY A 10 16.69 3.51 10.52
CA GLY A 10 16.05 4.70 11.07
C GLY A 10 16.69 5.05 12.41
N GLY A 11 17.99 4.76 12.52
CA GLY A 11 18.72 5.01 13.76
C GLY A 11 18.93 6.44 14.18
N LYS A 12 18.52 7.39 13.34
CA LYS A 12 18.67 8.81 13.66
C LYS A 12 17.43 9.37 14.35
N GLY A 13 16.32 8.64 14.27
CA GLY A 13 15.09 9.09 14.89
C GLY A 13 15.08 8.88 16.39
N ALA A 14 14.05 9.41 17.07
CA ALA A 14 13.95 9.29 18.52
C ALA A 14 13.94 7.82 18.96
N LEU A 15 13.02 7.05 18.41
CA LEU A 15 12.92 5.63 18.76
C LEU A 15 14.11 4.84 18.25
N GLY A 16 14.53 5.12 17.02
CA GLY A 16 15.66 4.41 16.44
C GLY A 16 16.95 4.58 17.23
N SER A 17 17.23 5.81 17.64
CA SER A 17 18.43 6.10 18.41
C SER A 17 18.36 5.42 19.77
N ALA A 18 17.17 5.38 20.35
CA ALA A 18 16.98 4.74 21.65
C ALA A 18 17.27 3.25 21.54
N ILE A 19 16.76 2.63 20.48
CA ILE A 19 16.97 1.20 20.25
C ILE A 19 18.45 0.92 20.03
N LEU A 20 19.08 1.71 19.19
CA LEU A 20 20.51 1.54 18.88
C LEU A 20 21.34 1.64 20.16
N GLU A 21 21.10 2.67 20.96
CA GLU A 21 21.83 2.85 22.20
C GLU A 21 21.62 1.69 23.17
N PHE A 22 20.37 1.23 23.27
CA PHE A 22 20.03 0.15 24.17
C PHE A 22 20.74 -1.17 23.83
N PHE A 23 20.72 -1.55 22.56
CA PHE A 23 21.39 -2.79 22.17
C PHE A 23 22.90 -2.68 22.34
N LYS A 24 23.44 -1.50 22.08
CA LYS A 24 24.87 -1.27 22.22
C LYS A 24 25.26 -1.46 23.69
N LYS A 25 24.44 -0.90 24.58
CA LYS A 25 24.71 -1.01 26.01
C LYS A 25 24.64 -2.47 26.45
N ASN A 26 23.88 -3.27 25.72
CA ASN A 26 23.73 -4.69 26.04
C ASN A 26 24.66 -5.62 25.27
N GLY A 27 25.80 -5.09 24.82
CA GLY A 27 26.80 -5.89 24.13
C GLY A 27 26.66 -6.22 22.66
N TYR A 28 25.70 -5.60 21.96
CA TYR A 28 25.55 -5.89 20.54
C TYR A 28 26.30 -4.91 19.64
N THR A 29 26.65 -5.38 18.45
CA THR A 29 27.30 -4.55 17.45
C THR A 29 26.09 -4.00 16.71
N VAL A 30 26.04 -2.70 16.45
CA VAL A 30 24.89 -2.12 15.78
C VAL A 30 25.17 -1.40 14.47
N LEU A 31 24.43 -1.76 13.45
CA LEU A 31 24.57 -1.14 12.14
C LEU A 31 23.39 -0.20 11.94
N ASN A 32 23.68 1.06 11.62
CA ASN A 32 22.63 2.04 11.39
C ASN A 32 22.45 2.31 9.90
N ILE A 33 21.19 2.39 9.48
CA ILE A 33 20.86 2.68 8.09
C ILE A 33 19.95 3.91 8.14
N ASP A 34 20.42 5.03 7.60
CA ASP A 34 19.62 6.24 7.61
C ASP A 34 20.18 7.26 6.62
N LEU A 35 19.53 8.43 6.56
CA LEU A 35 19.94 9.49 5.66
C LEU A 35 21.25 10.16 6.08
N SER A 36 21.65 9.92 7.32
CA SER A 36 22.90 10.47 7.84
C SER A 36 23.46 9.47 8.85
N ALA A 37 24.72 9.65 9.23
CA ALA A 37 25.35 8.73 10.16
C ALA A 37 25.08 9.01 11.62
N ASN A 38 25.06 7.93 12.41
CA ASN A 38 24.88 8.00 13.84
C ASN A 38 26.28 7.65 14.34
N ASP A 39 27.02 8.63 14.83
CA ASP A 39 28.39 8.37 15.28
C ASP A 39 28.52 7.39 16.44
N GLN A 40 27.39 6.89 16.95
CA GLN A 40 27.43 5.93 18.04
C GLN A 40 27.37 4.50 17.52
N ALA A 41 26.98 4.35 16.26
CA ALA A 41 26.89 3.03 15.64
C ALA A 41 28.24 2.46 15.25
N ASP A 42 28.35 1.13 15.18
CA ASP A 42 29.61 0.50 14.81
C ASP A 42 29.82 0.58 13.30
N SER A 43 28.72 0.62 12.57
CA SER A 43 28.74 0.73 11.12
C SER A 43 27.58 1.61 10.67
N ASN A 44 27.83 2.43 9.67
CA ASN A 44 26.81 3.32 9.14
C ASN A 44 26.60 3.10 7.64
N ILE A 45 25.35 2.83 7.28
CA ILE A 45 24.95 2.61 5.90
C ILE A 45 24.27 3.91 5.48
N LEU A 46 24.81 4.57 4.47
CA LEU A 46 24.27 5.85 4.00
C LEU A 46 23.20 5.72 2.93
N VAL A 47 22.05 6.35 3.20
CA VAL A 47 20.93 6.32 2.26
C VAL A 47 20.82 7.68 1.56
N ASP A 48 20.78 7.66 0.23
CA ASP A 48 20.65 8.87 -0.57
C ASP A 48 19.17 9.06 -0.89
N GLY A 49 18.53 10.00 -0.20
CA GLY A 49 17.12 10.25 -0.42
C GLY A 49 16.72 10.66 -1.83
N ASN A 50 17.68 11.08 -2.64
CA ASN A 50 17.39 11.49 -4.01
C ASN A 50 17.27 10.32 -4.98
N LYS A 51 17.81 9.16 -4.59
CA LYS A 51 17.76 7.98 -5.44
C LYS A 51 16.38 7.32 -5.40
N ASN A 52 16.03 6.61 -6.47
CA ASN A 52 14.73 5.93 -6.53
C ASN A 52 14.75 4.64 -5.70
N TRP A 53 13.62 3.94 -5.67
CA TRP A 53 13.50 2.72 -4.88
C TRP A 53 14.56 1.66 -5.17
N THR A 54 14.69 1.27 -6.44
CA THR A 54 15.67 0.25 -6.81
C THR A 54 17.10 0.72 -6.59
N GLU A 55 17.35 2.01 -6.81
CA GLU A 55 18.69 2.55 -6.59
C GLU A 55 19.02 2.48 -5.11
N GLN A 56 18.04 2.79 -4.26
CA GLN A 56 18.24 2.74 -2.82
C GLN A 56 18.48 1.31 -2.37
N GLU A 57 17.70 0.37 -2.91
CA GLU A 57 17.87 -1.03 -2.56
C GLU A 57 19.30 -1.48 -2.86
N GLN A 58 19.74 -1.23 -4.09
CA GLN A 58 21.08 -1.64 -4.50
C GLN A 58 22.18 -1.07 -3.60
N SER A 59 22.11 0.23 -3.33
CA SER A 59 23.13 0.87 -2.51
C SER A 59 23.13 0.35 -1.08
N ILE A 60 21.95 0.25 -0.48
CA ILE A 60 21.85 -0.23 0.88
C ILE A 60 22.32 -1.68 0.99
N LEU A 61 21.92 -2.52 0.05
CA LEU A 61 22.34 -3.92 0.06
C LEU A 61 23.85 -4.06 -0.13
N GLU A 62 24.41 -3.29 -1.06
CA GLU A 62 25.85 -3.37 -1.30
C GLU A 62 26.64 -2.98 -0.06
N GLN A 63 26.24 -1.87 0.56
CA GLN A 63 26.93 -1.39 1.76
C GLN A 63 26.80 -2.32 2.94
N THR A 64 25.61 -2.91 3.12
CA THR A 64 25.40 -3.81 4.24
C THR A 64 26.20 -5.10 4.06
N ALA A 65 26.26 -5.59 2.83
CA ALA A 65 27.01 -6.81 2.55
C ALA A 65 28.51 -6.59 2.75
N SER A 66 29.00 -5.41 2.37
CA SER A 66 30.41 -5.08 2.53
C SER A 66 30.78 -5.04 4.01
N SER A 67 29.85 -4.58 4.84
CA SER A 67 30.08 -4.49 6.26
C SER A 67 29.99 -5.82 7.00
N LEU A 68 29.00 -6.64 6.63
CA LEU A 68 28.79 -7.93 7.29
C LEU A 68 29.72 -9.07 6.87
N GLN A 69 30.09 -9.11 5.60
CA GLN A 69 30.95 -10.18 5.10
C GLN A 69 30.32 -11.54 5.46
N GLY A 70 31.01 -12.35 6.26
CA GLY A 70 30.47 -13.66 6.61
C GLY A 70 29.57 -13.73 7.83
N SER A 71 29.16 -12.57 8.35
CA SER A 71 28.30 -12.55 9.53
C SER A 71 26.84 -12.33 9.17
N GLN A 72 25.95 -12.84 10.02
CA GLN A 72 24.52 -12.66 9.85
C GLN A 72 24.10 -11.80 11.03
N VAL A 73 22.86 -11.35 11.05
CA VAL A 73 22.38 -10.52 12.16
C VAL A 73 21.28 -11.24 12.93
N ASP A 74 21.12 -10.88 14.20
CA ASP A 74 20.11 -11.48 15.07
C ASP A 74 18.77 -10.78 14.90
N GLY A 75 18.80 -9.56 14.37
CA GLY A 75 17.57 -8.82 14.16
C GLY A 75 17.73 -7.63 13.24
N VAL A 76 16.63 -7.28 12.59
CA VAL A 76 16.57 -6.12 11.68
C VAL A 76 15.36 -5.36 12.21
N PHE A 77 15.59 -4.13 12.68
CA PHE A 77 14.51 -3.31 13.23
C PHE A 77 14.30 -2.08 12.38
N CYS A 78 13.12 -1.97 11.77
CA CYS A 78 12.82 -0.83 10.91
C CYS A 78 11.81 0.13 11.55
N VAL A 79 12.28 1.33 11.87
CA VAL A 79 11.44 2.35 12.50
C VAL A 79 11.51 3.68 11.76
N ALA A 80 11.90 3.63 10.49
CA ALA A 80 12.03 4.84 9.67
C ALA A 80 10.70 5.40 9.19
N GLY A 81 10.69 6.69 8.85
CA GLY A 81 9.47 7.31 8.35
C GLY A 81 8.83 8.39 9.18
N GLY A 82 8.16 9.32 8.49
CA GLY A 82 7.49 10.42 9.15
C GLY A 82 6.01 10.47 8.80
N TRP A 83 5.42 11.67 8.86
CA TRP A 83 4.00 11.82 8.56
C TRP A 83 3.66 13.03 7.67
N ALA A 84 2.58 12.89 6.91
CA ALA A 84 2.04 13.92 6.04
C ALA A 84 0.59 13.48 5.83
N GLY A 85 -0.36 14.40 6.05
CA GLY A 85 -1.75 14.02 5.90
C GLY A 85 -2.45 14.56 4.67
N GLY A 86 -3.77 14.69 4.78
CA GLY A 86 -4.57 15.21 3.67
C GLY A 86 -5.64 14.29 3.13
N SER A 87 -6.85 14.82 2.95
CA SER A 87 -7.94 14.04 2.39
C SER A 87 -7.78 14.11 0.88
N ALA A 88 -8.67 13.46 0.14
CA ALA A 88 -8.58 13.47 -1.33
C ALA A 88 -8.78 14.87 -1.92
N SER A 89 -9.45 15.74 -1.18
CA SER A 89 -9.68 17.10 -1.69
C SER A 89 -8.51 18.03 -1.37
N SER A 90 -7.55 17.55 -0.60
CA SER A 90 -6.37 18.35 -0.26
C SER A 90 -5.54 18.61 -1.51
N LYS A 91 -4.94 19.79 -1.59
CA LYS A 91 -4.12 20.13 -2.75
C LYS A 91 -2.95 19.17 -2.87
N ASP A 92 -2.41 18.74 -1.73
CA ASP A 92 -1.27 17.83 -1.71
C ASP A 92 -1.63 16.37 -1.40
N PHE A 93 -2.84 15.95 -1.78
CA PHE A 93 -3.26 14.57 -1.54
C PHE A 93 -2.26 13.60 -2.14
N VAL A 94 -1.96 13.77 -3.42
CA VAL A 94 -1.02 12.88 -4.11
C VAL A 94 0.43 13.11 -3.68
N LYS A 95 0.83 14.38 -3.60
CA LYS A 95 2.19 14.72 -3.20
C LYS A 95 2.54 14.05 -1.87
N ASN A 96 1.64 14.15 -0.90
CA ASN A 96 1.87 13.56 0.40
C ASN A 96 1.75 12.04 0.37
N ALA A 97 0.85 11.53 -0.48
CA ALA A 97 0.70 10.09 -0.60
C ALA A 97 2.03 9.52 -1.09
N ASP A 98 2.66 10.24 -2.02
CA ASP A 98 3.95 9.83 -2.58
C ASP A 98 5.01 9.81 -1.49
N LEU A 99 5.06 10.86 -0.68
CA LEU A 99 6.02 10.93 0.41
C LEU A 99 5.82 9.80 1.41
N MET A 100 4.57 9.42 1.65
CA MET A 100 4.29 8.35 2.61
C MET A 100 4.70 6.96 2.10
N ILE A 101 4.58 6.72 0.80
CA ILE A 101 4.99 5.43 0.26
C ILE A 101 6.51 5.37 0.40
N LYS A 102 7.18 6.45 0.01
CA LYS A 102 8.64 6.54 0.08
C LYS A 102 9.19 6.40 1.48
N GLN A 103 8.46 6.91 2.47
CA GLN A 103 8.90 6.85 3.85
C GLN A 103 8.62 5.55 4.60
N SER A 104 7.43 4.99 4.42
CA SER A 104 7.05 3.75 5.11
C SER A 104 7.19 2.46 4.30
N VAL A 105 6.75 2.50 3.04
CA VAL A 105 6.81 1.30 2.20
C VAL A 105 8.20 0.98 1.66
N TRP A 106 8.91 1.99 1.15
CA TRP A 106 10.25 1.74 0.61
C TRP A 106 11.16 1.13 1.68
N SER A 107 11.20 1.75 2.85
CA SER A 107 12.04 1.29 3.95
C SER A 107 11.66 -0.10 4.45
N SER A 108 10.38 -0.32 4.69
CA SER A 108 9.92 -1.62 5.18
C SER A 108 10.30 -2.72 4.21
N ALA A 109 10.15 -2.46 2.91
CA ALA A 109 10.48 -3.46 1.91
C ALA A 109 11.97 -3.75 1.84
N ILE A 110 12.79 -2.71 1.92
CA ILE A 110 14.24 -2.91 1.88
C ILE A 110 14.69 -3.61 3.16
N ALA A 111 14.05 -3.30 4.28
CA ALA A 111 14.39 -3.97 5.54
C ALA A 111 14.10 -5.46 5.38
N ALA A 112 12.98 -5.78 4.73
CA ALA A 112 12.60 -7.18 4.52
C ALA A 112 13.63 -7.87 3.62
N LYS A 113 14.03 -7.19 2.55
CA LYS A 113 15.03 -7.74 1.63
C LYS A 113 16.32 -8.04 2.39
N LEU A 114 16.71 -7.12 3.27
CA LEU A 114 17.93 -7.32 4.06
C LEU A 114 17.80 -8.56 4.93
N ALA A 115 16.62 -8.76 5.51
CA ALA A 115 16.38 -9.92 6.37
C ALA A 115 16.49 -11.25 5.64
N THR A 116 15.91 -11.33 4.45
CA THR A 116 15.96 -12.57 3.68
C THR A 116 17.40 -12.90 3.33
N THR A 117 18.23 -11.87 3.29
CA THR A 117 19.64 -12.03 2.95
C THR A 117 20.58 -12.25 4.14
N HIS A 118 20.38 -11.44 5.19
CA HIS A 118 21.27 -11.47 6.34
C HIS A 118 20.78 -11.96 7.70
N LEU A 119 19.47 -12.16 7.85
CA LEU A 119 18.94 -12.59 9.14
C LEU A 119 19.21 -14.07 9.44
N LYS A 120 19.71 -14.35 10.63
CA LYS A 120 20.01 -15.72 11.04
C LYS A 120 18.71 -16.51 11.18
N PRO A 121 18.77 -17.85 11.00
CA PRO A 121 17.54 -18.61 11.15
C PRO A 121 17.08 -18.40 12.58
N GLY A 122 15.77 -18.21 12.77
CA GLY A 122 15.26 -17.98 14.11
C GLY A 122 15.37 -16.54 14.56
N GLY A 123 15.89 -15.67 13.69
CA GLY A 123 16.04 -14.27 14.03
C GLY A 123 14.74 -13.48 14.00
N LEU A 124 14.83 -12.19 14.28
CA LEU A 124 13.65 -11.32 14.31
C LEU A 124 13.68 -10.13 13.36
N LEU A 125 12.60 -9.93 12.62
CA LEU A 125 12.44 -8.77 11.75
C LEU A 125 11.29 -7.99 12.36
N GLN A 126 11.52 -6.72 12.67
CA GLN A 126 10.47 -5.88 13.24
C GLN A 126 10.20 -4.71 12.31
N LEU A 127 8.92 -4.47 12.05
CA LEU A 127 8.50 -3.37 11.18
C LEU A 127 7.59 -2.45 11.98
N THR A 128 7.34 -1.27 11.43
CA THR A 128 6.48 -0.32 12.12
C THR A 128 5.22 -0.05 11.30
N GLY A 129 4.07 -0.37 11.87
CA GLY A 129 2.81 -0.15 11.19
C GLY A 129 2.16 1.12 11.68
N ALA A 130 0.83 1.11 11.81
CA ALA A 130 0.11 2.29 12.30
C ALA A 130 -1.29 1.90 12.79
N ALA A 131 -1.54 2.14 14.08
CA ALA A 131 -2.84 1.81 14.66
C ALA A 131 -3.98 2.44 13.86
N ALA A 132 -3.79 3.65 13.38
CA ALA A 132 -4.84 4.34 12.63
C ALA A 132 -5.21 3.64 11.33
N ALA A 133 -4.26 2.90 10.74
CA ALA A 133 -4.51 2.21 9.49
C ALA A 133 -5.40 0.97 9.62
N MET A 134 -5.78 0.63 10.85
CA MET A 134 -6.64 -0.53 11.07
C MET A 134 -8.09 -0.18 10.71
N GLY A 135 -8.31 1.08 10.36
CA GLY A 135 -9.63 1.54 9.96
C GLY A 135 -9.53 2.65 8.94
N PRO A 136 -10.66 3.21 8.48
CA PRO A 136 -10.61 4.28 7.49
C PRO A 136 -9.84 5.51 8.01
N THR A 137 -9.13 6.20 7.12
CA THR A 137 -8.39 7.40 7.49
C THR A 137 -8.63 8.51 6.47
N PRO A 138 -9.87 8.96 6.33
CA PRO A 138 -10.23 10.02 5.37
C PRO A 138 -9.45 11.34 5.47
N SER A 139 -8.94 11.66 6.65
CA SER A 139 -8.19 12.91 6.83
C SER A 139 -6.70 12.79 6.51
N MET A 140 -6.23 11.56 6.31
CA MET A 140 -4.83 11.30 6.00
C MET A 140 -4.76 10.03 5.16
N ILE A 141 -5.39 10.09 4.00
CA ILE A 141 -5.49 8.96 3.09
C ILE A 141 -4.17 8.33 2.64
N GLY A 142 -3.18 9.16 2.29
CA GLY A 142 -1.90 8.63 1.85
C GLY A 142 -1.20 7.85 2.97
N TYR A 143 -1.17 8.42 4.16
CA TYR A 143 -0.54 7.77 5.30
C TYR A 143 -1.25 6.43 5.51
N GLY A 144 -2.58 6.46 5.48
CA GLY A 144 -3.35 5.25 5.67
C GLY A 144 -3.02 4.15 4.67
N MET A 145 -2.96 4.52 3.38
CA MET A 145 -2.64 3.59 2.30
C MET A 145 -1.27 2.95 2.46
N ALA A 146 -0.28 3.81 2.71
CA ALA A 146 1.10 3.38 2.87
C ALA A 146 1.23 2.39 4.01
N LYS A 147 0.66 2.74 5.16
CA LYS A 147 0.75 1.85 6.31
C LYS A 147 -0.05 0.55 6.12
N ALA A 148 -1.16 0.62 5.39
CA ALA A 148 -1.95 -0.60 5.14
C ALA A 148 -1.09 -1.56 4.31
N ALA A 149 -0.28 -1.01 3.41
CA ALA A 149 0.58 -1.85 2.59
C ALA A 149 1.61 -2.53 3.49
N VAL A 150 2.13 -1.81 4.48
CA VAL A 150 3.11 -2.39 5.40
C VAL A 150 2.44 -3.51 6.21
N HIS A 151 1.19 -3.30 6.60
CA HIS A 151 0.47 -4.33 7.36
C HIS A 151 0.31 -5.58 6.47
N HIS A 152 0.01 -5.40 5.19
CA HIS A 152 -0.15 -6.55 4.31
C HIS A 152 1.19 -7.25 4.10
N LEU A 153 2.24 -6.46 3.94
CA LEU A 153 3.59 -6.99 3.75
C LEU A 153 3.91 -7.91 4.91
N THR A 154 3.53 -7.47 6.11
CA THR A 154 3.76 -8.25 7.31
C THR A 154 3.12 -9.63 7.20
N SER A 155 1.88 -9.69 6.73
CA SER A 155 1.20 -10.97 6.61
C SER A 155 1.85 -11.87 5.57
N SER A 156 2.30 -11.28 4.46
CA SER A 156 2.96 -12.08 3.43
C SER A 156 4.30 -12.65 3.89
N LEU A 157 5.06 -11.85 4.62
CA LEU A 157 6.37 -12.29 5.11
C LEU A 157 6.27 -13.41 6.15
N ALA A 158 5.22 -13.40 6.95
CA ALA A 158 5.04 -14.42 7.98
C ALA A 158 4.62 -15.75 7.39
N ALA A 159 4.09 -15.72 6.17
CA ALA A 159 3.64 -16.92 5.48
C ALA A 159 4.79 -17.77 4.99
N LYS A 160 4.47 -19.03 4.67
CA LYS A 160 5.45 -19.99 4.18
C LYS A 160 6.02 -19.58 2.82
N ASP A 161 7.33 -19.78 2.65
CA ASP A 161 8.04 -19.47 1.42
C ASP A 161 8.01 -17.99 1.01
N SER A 162 8.09 -17.10 1.99
CA SER A 162 8.08 -15.67 1.73
C SER A 162 9.51 -15.22 1.44
N GLY A 163 10.47 -16.02 1.88
CA GLY A 163 11.87 -15.67 1.67
C GLY A 163 12.62 -15.50 2.98
N LEU A 164 11.88 -15.34 4.07
CA LEU A 164 12.53 -15.18 5.38
C LEU A 164 13.11 -16.53 5.79
N PRO A 165 14.18 -16.52 6.59
CA PRO A 165 14.80 -17.77 7.02
C PRO A 165 13.94 -18.62 7.94
N ASP A 166 14.25 -19.91 8.01
CA ASP A 166 13.49 -20.83 8.83
C ASP A 166 13.46 -20.43 10.30
N ASN A 167 12.30 -20.63 10.93
CA ASN A 167 12.11 -20.36 12.34
C ASN A 167 12.16 -18.88 12.71
N SER A 168 12.26 -17.99 11.73
CA SER A 168 12.30 -16.56 12.03
C SER A 168 10.89 -16.02 12.20
N ALA A 169 10.78 -14.81 12.75
CA ALA A 169 9.47 -14.20 12.96
C ALA A 169 9.51 -12.75 12.54
N VAL A 170 8.36 -12.24 12.11
CA VAL A 170 8.21 -10.83 11.74
C VAL A 170 7.15 -10.28 12.70
N LEU A 171 7.45 -9.15 13.34
CA LEU A 171 6.53 -8.52 14.28
C LEU A 171 6.39 -7.06 13.88
N THR A 172 5.16 -6.54 13.87
CA THR A 172 4.92 -5.15 13.46
C THR A 172 4.26 -4.38 14.61
N ILE A 173 4.94 -3.35 15.09
CA ILE A 173 4.42 -2.56 16.21
C ILE A 173 3.53 -1.38 15.81
N MET A 174 2.54 -1.08 16.65
CA MET A 174 1.61 0.02 16.41
C MET A 174 1.35 0.80 17.70
N PRO A 175 2.32 1.60 18.13
CA PRO A 175 2.12 2.37 19.36
C PRO A 175 1.17 3.56 19.13
N VAL A 176 0.27 3.78 20.07
CA VAL A 176 -0.68 4.89 19.98
C VAL A 176 0.00 6.23 20.24
N THR A 177 0.81 6.28 21.31
CA THR A 177 1.53 7.50 21.67
C THR A 177 2.90 7.17 22.27
N LEU A 178 3.95 7.71 21.67
CA LEU A 178 5.31 7.49 22.18
C LEU A 178 5.78 8.77 22.84
N ASP A 179 6.60 8.63 23.88
CA ASP A 179 7.13 9.80 24.57
C ASP A 179 8.36 10.25 23.80
N THR A 180 8.23 11.36 23.08
CA THR A 180 9.33 11.89 22.28
C THR A 180 9.51 13.37 22.56
N PRO A 181 10.68 13.93 22.23
CA PRO A 181 10.93 15.36 22.45
C PRO A 181 9.89 16.23 21.73
N MET A 182 9.51 15.83 20.51
CA MET A 182 8.54 16.58 19.75
C MET A 182 7.14 16.57 20.36
N ASN A 183 6.73 15.43 20.91
CA ASN A 183 5.40 15.36 21.51
C ASN A 183 5.34 16.19 22.78
N ARG A 184 6.45 16.27 23.50
CA ARG A 184 6.49 17.06 24.72
C ARG A 184 6.43 18.55 24.41
N LYS A 185 6.92 18.93 23.23
CA LYS A 185 6.93 20.33 22.82
C LYS A 185 5.58 20.82 22.31
N TRP A 186 4.93 20.02 21.48
CA TRP A 186 3.64 20.42 20.91
C TRP A 186 2.39 20.09 21.71
N MET A 187 2.53 19.21 22.69
CA MET A 187 1.40 18.86 23.58
C MET A 187 1.99 18.91 24.99
N PRO A 188 2.51 20.08 25.38
CA PRO A 188 3.13 20.31 26.69
C PRO A 188 2.29 20.02 27.94
N ASN A 189 0.98 20.05 27.82
CA ASN A 189 0.13 19.81 28.99
C ASN A 189 -0.61 18.49 29.00
N ALA A 190 -0.15 17.55 28.18
CA ALA A 190 -0.77 16.24 28.10
C ALA A 190 -0.45 15.41 29.35
N ASP A 191 -1.28 14.40 29.59
CA ASP A 191 -1.09 13.51 30.73
C ASP A 191 -0.17 12.38 30.27
N HIS A 192 1.08 12.38 30.73
CA HIS A 192 2.02 11.35 30.32
C HIS A 192 1.71 9.96 30.86
N SER A 193 0.64 9.83 31.65
CA SER A 193 0.28 8.54 32.20
C SER A 193 -0.25 7.63 31.09
N SER A 194 -0.39 8.18 29.89
CA SER A 194 -0.88 7.41 28.75
C SER A 194 0.15 7.39 27.62
N TRP A 195 1.37 7.83 27.93
CA TRP A 195 2.45 7.87 26.95
C TRP A 195 3.38 6.67 27.13
N THR A 196 3.68 5.97 26.03
CA THR A 196 4.56 4.81 26.10
C THR A 196 6.04 5.22 26.08
N PRO A 197 6.82 4.77 27.09
CA PRO A 197 8.24 5.11 27.15
C PRO A 197 8.96 4.37 26.04
N LEU A 198 9.97 5.00 25.45
CA LEU A 198 10.71 4.34 24.37
C LEU A 198 11.38 3.07 24.88
N SER A 199 11.79 3.07 26.15
CA SER A 199 12.44 1.91 26.75
C SER A 199 11.56 0.66 26.75
N PHE A 200 10.25 0.85 26.77
CA PHE A 200 9.32 -0.28 26.75
C PHE A 200 9.54 -1.06 25.46
N ILE A 201 9.73 -0.32 24.37
CA ILE A 201 9.95 -0.91 23.05
C ILE A 201 11.34 -1.55 22.95
N SER A 202 12.38 -0.82 23.35
CA SER A 202 13.74 -1.34 23.29
C SER A 202 13.86 -2.62 24.10
N GLU A 203 13.26 -2.61 25.29
CA GLU A 203 13.29 -3.78 26.16
C GLU A 203 12.60 -4.99 25.52
N HIS A 204 11.46 -4.77 24.88
CA HIS A 204 10.79 -5.89 24.24
C HIS A 204 11.54 -6.41 23.03
N LEU A 205 12.19 -5.51 22.27
CA LEU A 205 12.96 -5.97 21.13
C LEU A 205 14.10 -6.86 21.59
N LEU A 206 14.78 -6.48 22.68
CA LEU A 206 15.88 -7.30 23.18
C LEU A 206 15.35 -8.66 23.64
N LYS A 207 14.20 -8.65 24.30
CA LYS A 207 13.60 -9.90 24.78
C LYS A 207 13.23 -10.84 23.63
N TRP A 208 12.53 -10.30 22.64
CA TRP A 208 12.12 -11.11 21.50
C TRP A 208 13.32 -11.59 20.68
N THR A 209 14.40 -10.81 20.69
CA THR A 209 15.60 -11.18 19.94
C THR A 209 16.34 -12.34 20.60
N THR A 210 16.42 -12.30 21.93
CA THR A 210 17.13 -13.33 22.69
C THR A 210 16.32 -14.55 23.13
N GLU A 211 15.01 -14.38 23.26
CA GLU A 211 14.14 -15.48 23.68
C GLU A 211 12.97 -15.69 22.71
N THR A 212 13.10 -16.68 21.83
CA THR A 212 12.05 -16.94 20.84
C THR A 212 10.69 -17.30 21.45
N SER A 213 10.70 -17.95 22.61
CA SER A 213 9.45 -18.34 23.24
C SER A 213 8.67 -17.17 23.85
N SER A 214 9.27 -15.98 23.87
CA SER A 214 8.61 -14.80 24.42
C SER A 214 7.89 -14.01 23.33
N ARG A 215 8.04 -14.46 22.09
CA ARG A 215 7.45 -13.77 20.95
C ARG A 215 5.99 -14.06 20.65
N PRO A 216 5.26 -13.03 20.19
CA PRO A 216 3.85 -13.20 19.83
C PRO A 216 3.93 -13.97 18.51
N SER A 217 2.79 -14.38 17.95
CA SER A 217 2.79 -15.11 16.70
C SER A 217 3.41 -14.29 15.56
N SER A 218 4.19 -14.94 14.70
CA SER A 218 4.81 -14.22 13.58
C SER A 218 3.70 -13.64 12.72
N GLY A 219 3.86 -12.38 12.33
CA GLY A 219 2.86 -11.70 11.51
C GLY A 219 1.93 -10.83 12.34
N ALA A 220 2.10 -10.86 13.66
CA ALA A 220 1.25 -10.08 14.54
C ALA A 220 1.35 -8.56 14.36
N LEU A 221 0.21 -7.89 14.46
CA LEU A 221 0.13 -6.44 14.38
C LEU A 221 -0.12 -6.10 15.86
N LEU A 222 0.91 -5.55 16.51
CA LEU A 222 0.87 -5.27 17.95
C LEU A 222 0.55 -3.84 18.35
N LYS A 223 -0.68 -3.61 18.82
CA LYS A 223 -1.08 -2.28 19.26
C LYS A 223 -0.55 -2.07 20.68
N ILE A 224 0.18 -0.99 20.88
CA ILE A 224 0.76 -0.71 22.17
C ILE A 224 0.13 0.52 22.82
N THR A 225 -0.43 0.31 24.00
CA THR A 225 -1.10 1.38 24.74
C THR A 225 -0.58 1.51 26.17
N THR A 226 -0.74 2.70 26.74
CA THR A 226 -0.30 2.96 28.10
C THR A 226 -1.43 3.68 28.83
N GLU A 227 -1.78 3.18 30.02
CA GLU A 227 -2.83 3.78 30.83
C GLU A 227 -2.43 3.65 32.30
N ASN A 228 -2.53 4.75 33.04
CA ASN A 228 -2.17 4.75 34.45
C ASN A 228 -0.69 4.36 34.63
N GLY A 229 0.13 4.70 33.63
CA GLY A 229 1.55 4.40 33.70
C GLY A 229 1.96 2.99 33.30
N THR A 230 0.99 2.14 33.01
CA THR A 230 1.29 0.76 32.63
C THR A 230 1.09 0.54 31.13
N SER A 231 2.09 -0.05 30.47
CA SER A 231 2.01 -0.30 29.04
C SER A 231 1.53 -1.72 28.75
N THR A 232 0.75 -1.86 27.67
CA THR A 232 0.21 -3.14 27.27
C THR A 232 0.35 -3.35 25.76
N ILE A 233 0.62 -4.59 25.37
CA ILE A 233 0.76 -4.96 23.96
C ILE A 233 -0.39 -5.90 23.62
N THR A 234 -1.25 -5.49 22.70
CA THR A 234 -2.41 -6.30 22.32
C THR A 234 -2.45 -6.62 20.83
N PRO A 235 -2.32 -7.91 20.47
CA PRO A 235 -2.36 -8.30 19.05
C PRO A 235 -3.74 -7.97 18.49
N GLN A 236 -3.77 -7.44 17.26
CA GLN A 236 -5.02 -7.07 16.61
C GLN A 236 -5.43 -8.09 15.55
N SER B 2 -26.11 11.08 -25.88
CA SER B 2 -25.93 12.17 -24.88
C SER B 2 -26.53 11.79 -23.53
N SER B 3 -26.36 10.52 -23.15
CA SER B 3 -26.88 10.02 -21.89
C SER B 3 -26.09 10.60 -20.72
N GLY B 4 -24.86 11.02 -21.01
CA GLY B 4 -24.00 11.58 -19.98
C GLY B 4 -22.53 11.42 -20.31
N LYS B 5 -21.68 11.54 -19.31
CA LYS B 5 -20.25 11.42 -19.50
C LYS B 5 -19.61 10.52 -18.45
N VAL B 6 -18.66 9.70 -18.86
CA VAL B 6 -17.95 8.83 -17.94
C VAL B 6 -16.47 8.81 -18.31
N ILE B 7 -15.62 8.49 -17.33
CA ILE B 7 -14.18 8.41 -17.53
C ILE B 7 -13.75 6.97 -17.32
N VAL B 8 -12.99 6.42 -18.28
CA VAL B 8 -12.48 5.06 -18.15
C VAL B 8 -10.96 5.17 -18.10
N TYR B 9 -10.39 4.88 -16.94
CA TYR B 9 -8.94 4.93 -16.75
C TYR B 9 -8.51 3.49 -16.99
N GLY B 10 -7.90 3.25 -18.15
CA GLY B 10 -7.46 1.91 -18.52
C GLY B 10 -8.28 1.40 -19.70
N GLY B 11 -8.73 2.33 -20.54
CA GLY B 11 -9.55 1.99 -21.71
C GLY B 11 -8.95 1.15 -22.81
N LYS B 12 -7.65 0.87 -22.74
CA LYS B 12 -6.99 0.06 -23.76
C LYS B 12 -6.98 -1.41 -23.35
N GLY B 13 -7.26 -1.68 -22.08
CA GLY B 13 -7.27 -3.04 -21.59
C GLY B 13 -8.50 -3.81 -22.05
N ALA B 14 -8.47 -5.13 -21.87
CA ALA B 14 -9.59 -5.98 -22.28
C ALA B 14 -10.89 -5.51 -21.60
N LEU B 15 -10.85 -5.41 -20.27
CA LEU B 15 -12.03 -4.99 -19.53
C LEU B 15 -12.36 -3.51 -19.78
N GLY B 16 -11.34 -2.67 -19.74
CA GLY B 16 -11.52 -1.25 -19.97
C GLY B 16 -12.17 -0.92 -21.31
N SER B 17 -11.75 -1.62 -22.36
CA SER B 17 -12.31 -1.40 -23.68
C SER B 17 -13.75 -1.87 -23.76
N ALA B 18 -14.05 -2.97 -23.07
CA ALA B 18 -15.40 -3.51 -23.05
C ALA B 18 -16.32 -2.51 -22.35
N ILE B 19 -15.85 -1.95 -21.24
CA ILE B 19 -16.62 -0.97 -20.49
C ILE B 19 -16.87 0.25 -21.37
N LEU B 20 -15.81 0.76 -22.00
CA LEU B 20 -15.92 1.92 -22.86
C LEU B 20 -16.93 1.71 -23.99
N GLU B 21 -16.87 0.53 -24.62
CA GLU B 21 -17.77 0.20 -25.71
C GLU B 21 -19.23 0.11 -25.24
N PHE B 22 -19.43 -0.48 -24.07
CA PHE B 22 -20.78 -0.65 -23.54
C PHE B 22 -21.44 0.69 -23.19
N PHE B 23 -20.66 1.61 -22.63
CA PHE B 23 -21.21 2.92 -22.27
C PHE B 23 -21.42 3.78 -23.51
N LYS B 24 -20.57 3.59 -24.51
CA LYS B 24 -20.70 4.35 -25.76
C LYS B 24 -21.97 3.88 -26.45
N LYS B 25 -22.21 2.58 -26.41
CA LYS B 25 -23.39 1.96 -27.02
C LYS B 25 -24.67 2.43 -26.34
N ASN B 26 -24.56 2.83 -25.08
CA ASN B 26 -25.72 3.28 -24.32
C ASN B 26 -25.87 4.80 -24.25
N GLY B 27 -25.32 5.48 -25.26
CA GLY B 27 -25.44 6.93 -25.35
C GLY B 27 -24.51 7.82 -24.55
N TYR B 28 -23.49 7.26 -23.92
CA TYR B 28 -22.57 8.08 -23.13
C TYR B 28 -21.35 8.57 -23.89
N THR B 29 -20.85 9.72 -23.44
CA THR B 29 -19.65 10.32 -24.01
C THR B 29 -18.58 9.71 -23.11
N VAL B 30 -17.56 9.11 -23.71
CA VAL B 30 -16.50 8.48 -22.91
C VAL B 30 -15.11 9.06 -23.11
N LEU B 31 -14.44 9.34 -22.00
CA LEU B 31 -13.09 9.87 -22.03
C LEU B 31 -12.17 8.75 -21.55
N ASN B 32 -11.14 8.45 -22.35
CA ASN B 32 -10.19 7.40 -22.00
C ASN B 32 -8.88 7.98 -21.47
N ILE B 33 -8.34 7.35 -20.43
CA ILE B 33 -7.06 7.74 -19.84
C ILE B 33 -6.22 6.46 -19.88
N ASP B 34 -5.11 6.47 -20.61
CA ASP B 34 -4.25 5.30 -20.71
C ASP B 34 -2.93 5.68 -21.36
N LEU B 35 -2.05 4.70 -21.54
CA LEU B 35 -0.74 4.94 -22.14
C LEU B 35 -0.84 5.26 -23.62
N SER B 36 -1.87 4.74 -24.28
CA SER B 36 -2.09 5.00 -25.70
C SER B 36 -3.57 5.29 -25.91
N ALA B 37 -3.91 5.83 -27.08
CA ALA B 37 -5.29 6.19 -27.37
C ALA B 37 -6.18 5.07 -27.87
N ASN B 38 -7.45 5.12 -27.46
CA ASN B 38 -8.48 4.17 -27.87
C ASN B 38 -9.29 4.99 -28.89
N ASP B 39 -9.18 4.64 -30.17
CA ASP B 39 -9.87 5.38 -31.23
C ASP B 39 -11.39 5.44 -31.15
N GLN B 40 -11.98 4.67 -30.24
CA GLN B 40 -13.43 4.67 -30.10
C GLN B 40 -13.90 5.65 -29.02
N ALA B 41 -12.96 6.18 -28.25
CA ALA B 41 -13.30 7.13 -27.19
C ALA B 41 -13.54 8.51 -27.80
N ASP B 42 -14.32 9.34 -27.11
CA ASP B 42 -14.60 10.69 -27.59
C ASP B 42 -13.43 11.62 -27.28
N SER B 43 -12.70 11.30 -26.21
CA SER B 43 -11.53 12.08 -25.82
C SER B 43 -10.48 11.12 -25.30
N ASN B 44 -9.22 11.42 -25.57
CA ASN B 44 -8.13 10.58 -25.12
C ASN B 44 -7.10 11.37 -24.31
N ILE B 45 -6.90 10.95 -23.07
CA ILE B 45 -5.95 11.58 -22.17
C ILE B 45 -4.77 10.61 -22.09
N LEU B 46 -3.63 11.01 -22.63
CA LEU B 46 -2.45 10.15 -22.63
C LEU B 46 -1.53 10.42 -21.45
N VAL B 47 -1.06 9.35 -20.82
CA VAL B 47 -0.16 9.45 -19.68
C VAL B 47 1.24 8.95 -20.01
N ASP B 48 2.24 9.66 -19.50
CA ASP B 48 3.64 9.29 -19.70
C ASP B 48 4.05 8.51 -18.46
N GLY B 49 4.20 7.20 -18.61
CA GLY B 49 4.58 6.35 -17.48
C GLY B 49 5.94 6.64 -16.87
N ASN B 50 6.75 7.45 -17.54
CA ASN B 50 8.07 7.78 -17.00
C ASN B 50 8.07 8.99 -16.07
N LYS B 51 6.95 9.71 -16.03
CA LYS B 51 6.83 10.88 -15.16
C LYS B 51 6.54 10.38 -13.75
N ASN B 52 6.83 11.19 -12.73
CA ASN B 52 6.56 10.75 -11.36
C ASN B 52 5.08 10.91 -11.02
N TRP B 53 4.69 10.49 -9.81
CA TRP B 53 3.30 10.55 -9.38
C TRP B 53 2.64 11.93 -9.52
N THR B 54 3.29 12.97 -8.99
CA THR B 54 2.72 14.31 -9.07
C THR B 54 2.71 14.87 -10.49
N GLU B 55 3.70 14.50 -11.30
CA GLU B 55 3.75 14.96 -12.67
C GLU B 55 2.60 14.29 -13.43
N GLN B 56 2.36 13.02 -13.14
CA GLN B 56 1.27 12.30 -13.79
C GLN B 56 -0.07 12.90 -13.38
N GLU B 57 -0.20 13.23 -12.09
CA GLU B 57 -1.44 13.82 -11.62
C GLU B 57 -1.73 15.14 -12.34
N GLN B 58 -0.75 16.04 -12.34
CA GLN B 58 -0.96 17.32 -13.00
C GLN B 58 -1.30 17.18 -14.47
N SER B 59 -0.59 16.28 -15.17
CA SER B 59 -0.85 16.07 -16.58
C SER B 59 -2.27 15.54 -16.85
N ILE B 60 -2.68 14.52 -16.10
CA ILE B 60 -3.99 13.93 -16.28
C ILE B 60 -5.11 14.90 -15.91
N LEU B 61 -4.94 15.61 -14.81
CA LEU B 61 -5.96 16.56 -14.38
C LEU B 61 -6.15 17.72 -15.33
N GLU B 62 -5.06 18.26 -15.87
CA GLU B 62 -5.17 19.39 -16.77
C GLU B 62 -5.80 18.99 -18.10
N GLN B 63 -5.42 17.83 -18.62
CA GLN B 63 -5.98 17.35 -19.88
C GLN B 63 -7.47 17.04 -19.73
N THR B 64 -7.84 16.45 -18.60
CA THR B 64 -9.24 16.11 -18.35
C THR B 64 -10.11 17.35 -18.20
N ALA B 65 -9.58 18.36 -17.51
CA ALA B 65 -10.32 19.60 -17.29
C ALA B 65 -10.54 20.34 -18.62
N SER B 66 -9.54 20.29 -19.49
CA SER B 66 -9.65 20.94 -20.78
C SER B 66 -10.70 20.24 -21.63
N SER B 67 -10.84 18.93 -21.41
CA SER B 67 -11.80 18.13 -22.15
C SER B 67 -13.23 18.25 -21.62
N LEU B 68 -13.38 18.48 -20.32
CA LEU B 68 -14.69 18.60 -19.69
C LEU B 68 -15.24 20.02 -19.70
N GLN B 69 -14.37 21.01 -19.56
CA GLN B 69 -14.78 22.41 -19.54
C GLN B 69 -15.86 22.73 -18.51
N GLY B 70 -15.56 22.46 -17.24
CA GLY B 70 -16.51 22.75 -16.18
C GLY B 70 -17.66 21.78 -16.01
N SER B 71 -17.81 20.84 -16.94
CA SER B 71 -18.90 19.87 -16.85
C SER B 71 -18.52 18.76 -15.86
N GLN B 72 -19.53 18.05 -15.35
CA GLN B 72 -19.27 16.96 -14.41
C GLN B 72 -19.48 15.63 -15.11
N VAL B 73 -19.04 14.55 -14.47
CA VAL B 73 -19.19 13.21 -15.04
C VAL B 73 -20.08 12.35 -14.14
N ASP B 74 -20.71 11.33 -14.73
CA ASP B 74 -21.60 10.45 -13.98
C ASP B 74 -20.86 9.30 -13.31
N GLY B 75 -19.65 9.02 -13.79
CA GLY B 75 -18.87 7.95 -13.21
C GLY B 75 -17.41 7.97 -13.63
N VAL B 76 -16.56 7.42 -12.77
CA VAL B 76 -15.13 7.33 -13.01
C VAL B 76 -14.82 5.85 -12.75
N PHE B 77 -14.35 5.15 -13.77
CA PHE B 77 -14.06 3.73 -13.66
C PHE B 77 -12.58 3.46 -13.91
N CYS B 78 -11.89 2.95 -12.89
CA CYS B 78 -10.46 2.68 -13.00
C CYS B 78 -10.16 1.19 -13.03
N VAL B 79 -9.64 0.71 -14.16
CA VAL B 79 -9.30 -0.70 -14.32
C VAL B 79 -7.87 -0.87 -14.86
N ALA B 80 -7.06 0.16 -14.66
CA ALA B 80 -5.67 0.15 -15.13
C ALA B 80 -4.77 -0.75 -14.29
N GLY B 81 -3.63 -1.14 -14.86
CA GLY B 81 -2.68 -1.96 -14.13
C GLY B 81 -2.46 -3.38 -14.60
N GLY B 82 -1.22 -3.85 -14.46
CA GLY B 82 -0.86 -5.19 -14.85
C GLY B 82 -0.38 -6.03 -13.66
N TRP B 83 0.51 -6.98 -13.91
CA TRP B 83 1.01 -7.85 -12.84
C TRP B 83 2.49 -8.20 -12.94
N ALA B 84 3.12 -8.33 -11.78
CA ALA B 84 4.52 -8.71 -11.63
C ALA B 84 4.56 -9.43 -10.28
N GLY B 85 5.22 -10.57 -10.20
CA GLY B 85 5.27 -11.31 -8.96
C GLY B 85 6.59 -11.31 -8.22
N GLY B 86 6.79 -12.32 -7.38
CA GLY B 86 8.02 -12.46 -6.64
C GLY B 86 7.90 -12.43 -5.13
N SER B 87 8.60 -13.34 -4.46
CA SER B 87 8.64 -13.39 -3.00
C SER B 87 9.75 -12.42 -2.59
N ALA B 88 10.00 -12.29 -1.29
CA ALA B 88 11.04 -11.38 -0.83
C ALA B 88 12.45 -11.85 -1.19
N SER B 89 12.60 -13.12 -1.51
CA SER B 89 13.93 -13.62 -1.88
C SER B 89 14.19 -13.48 -3.37
N SER B 90 13.15 -13.13 -4.13
CA SER B 90 13.28 -12.97 -5.57
C SER B 90 14.20 -11.80 -5.90
N LYS B 91 14.97 -11.95 -6.98
CA LYS B 91 15.91 -10.90 -7.38
C LYS B 91 15.18 -9.59 -7.67
N ASP B 92 13.96 -9.68 -8.20
CA ASP B 92 13.19 -8.49 -8.54
C ASP B 92 12.08 -8.13 -7.54
N PHE B 93 12.23 -8.53 -6.29
CA PHE B 93 11.23 -8.22 -5.27
C PHE B 93 10.91 -6.73 -5.26
N VAL B 94 11.92 -5.91 -5.02
CA VAL B 94 11.74 -4.46 -4.96
C VAL B 94 11.36 -3.87 -6.33
N LYS B 95 12.06 -4.29 -7.38
CA LYS B 95 11.78 -3.80 -8.72
C LYS B 95 10.29 -3.96 -9.05
N ASN B 96 9.76 -5.14 -8.78
CA ASN B 96 8.36 -5.42 -9.06
C ASN B 96 7.40 -4.71 -8.11
N ALA B 97 7.82 -4.54 -6.85
CA ALA B 97 6.98 -3.84 -5.89
C ALA B 97 6.81 -2.41 -6.40
N ASP B 98 7.89 -1.85 -6.92
CA ASP B 98 7.90 -0.50 -7.47
C ASP B 98 6.90 -0.42 -8.63
N LEU B 99 6.98 -1.39 -9.53
CA LEU B 99 6.09 -1.42 -10.68
C LEU B 99 4.62 -1.55 -10.28
N MET B 100 4.35 -2.39 -9.27
CA MET B 100 2.99 -2.61 -8.84
C MET B 100 2.38 -1.40 -8.14
N ILE B 101 3.18 -0.65 -7.38
CA ILE B 101 2.67 0.54 -6.73
C ILE B 101 2.29 1.57 -7.80
N LYS B 102 3.17 1.75 -8.78
CA LYS B 102 2.92 2.69 -9.87
C LYS B 102 1.69 2.30 -10.71
N GLN B 103 1.51 1.01 -10.95
CA GLN B 103 0.40 0.53 -11.75
C GLN B 103 -0.98 0.54 -11.09
N SER B 104 -1.05 0.12 -9.83
CA SER B 104 -2.33 0.06 -9.12
C SER B 104 -2.63 1.22 -8.17
N VAL B 105 -1.66 1.59 -7.34
CA VAL B 105 -1.87 2.68 -6.39
C VAL B 105 -1.89 4.07 -7.03
N TRP B 106 -0.92 4.38 -7.87
CA TRP B 106 -0.87 5.70 -8.51
C TRP B 106 -2.13 5.99 -9.31
N SER B 107 -2.56 5.02 -10.11
CA SER B 107 -3.75 5.17 -10.94
C SER B 107 -5.03 5.32 -10.11
N SER B 108 -5.18 4.48 -9.09
CA SER B 108 -6.37 4.53 -8.25
C SER B 108 -6.50 5.88 -7.55
N ALA B 109 -5.37 6.42 -7.10
CA ALA B 109 -5.37 7.70 -6.40
C ALA B 109 -5.73 8.84 -7.34
N ILE B 110 -5.21 8.80 -8.57
CA ILE B 110 -5.50 9.86 -9.52
C ILE B 110 -6.97 9.78 -9.96
N ALA B 111 -7.50 8.57 -10.05
CA ALA B 111 -8.90 8.38 -10.42
C ALA B 111 -9.76 8.99 -9.31
N ALA B 112 -9.32 8.79 -8.06
CA ALA B 112 -10.04 9.34 -6.91
C ALA B 112 -9.99 10.88 -6.97
N LYS B 113 -8.85 11.41 -7.35
CA LYS B 113 -8.68 12.86 -7.44
C LYS B 113 -9.60 13.39 -8.54
N LEU B 114 -9.72 12.63 -9.63
CA LEU B 114 -10.60 13.04 -10.71
C LEU B 114 -12.05 13.09 -10.23
N ALA B 115 -12.42 12.16 -9.36
CA ALA B 115 -13.77 12.10 -8.83
C ALA B 115 -14.07 13.26 -7.90
N THR B 116 -13.16 13.58 -6.99
CA THR B 116 -13.41 14.69 -6.06
C THR B 116 -13.60 15.99 -6.84
N THR B 117 -12.91 16.10 -7.97
CA THR B 117 -12.97 17.30 -8.80
C THR B 117 -14.09 17.37 -9.84
N HIS B 118 -14.45 16.23 -10.42
CA HIS B 118 -15.45 16.22 -11.49
C HIS B 118 -16.68 15.32 -11.36
N LEU B 119 -16.69 14.41 -10.39
CA LEU B 119 -17.84 13.52 -10.26
C LEU B 119 -19.05 14.24 -9.68
N LYS B 120 -20.21 13.99 -10.29
CA LYS B 120 -21.45 14.61 -9.85
C LYS B 120 -21.86 14.04 -8.49
N PRO B 121 -22.65 14.81 -7.73
CA PRO B 121 -23.09 14.31 -6.43
C PRO B 121 -23.96 13.09 -6.75
N GLY B 122 -23.87 12.04 -5.93
CA GLY B 122 -24.64 10.84 -6.19
C GLY B 122 -24.01 9.95 -7.27
N GLY B 123 -22.88 10.40 -7.81
CA GLY B 123 -22.19 9.65 -8.85
C GLY B 123 -21.43 8.44 -8.33
N LEU B 124 -20.80 7.71 -9.24
CA LEU B 124 -20.05 6.51 -8.87
C LEU B 124 -18.56 6.50 -9.21
N LEU B 125 -17.74 6.05 -8.26
CA LEU B 125 -16.30 5.89 -8.47
C LEU B 125 -16.06 4.39 -8.31
N GLN B 126 -15.48 3.76 -9.31
CA GLN B 126 -15.20 2.33 -9.23
C GLN B 126 -13.71 2.09 -9.35
N LEU B 127 -13.18 1.26 -8.45
CA LEU B 127 -11.77 0.93 -8.45
C LEU B 127 -11.62 -0.58 -8.59
N THR B 128 -10.40 -1.03 -8.88
CA THR B 128 -10.12 -2.44 -9.04
C THR B 128 -9.16 -2.93 -7.96
N GLY B 129 -9.62 -3.87 -7.16
CA GLY B 129 -8.78 -4.40 -6.09
C GLY B 129 -8.17 -5.72 -6.53
N ALA B 130 -8.04 -6.66 -5.60
CA ALA B 130 -7.48 -7.99 -5.91
C ALA B 130 -7.93 -9.00 -4.87
N ALA B 131 -8.67 -10.02 -5.30
CA ALA B 131 -9.15 -11.04 -4.36
C ALA B 131 -8.00 -11.69 -3.58
N ALA B 132 -6.88 -11.93 -4.25
CA ALA B 132 -5.74 -12.54 -3.59
C ALA B 132 -5.22 -11.68 -2.44
N ALA B 133 -5.34 -10.36 -2.55
CA ALA B 133 -4.85 -9.45 -1.52
C ALA B 133 -5.66 -9.48 -0.22
N MET B 134 -6.74 -10.26 -0.21
CA MET B 134 -7.56 -10.39 1.00
C MET B 134 -6.84 -11.29 2.00
N GLY B 135 -5.74 -11.89 1.56
CA GLY B 135 -4.97 -12.77 2.44
C GLY B 135 -3.48 -12.64 2.12
N PRO B 136 -2.60 -13.37 2.83
CA PRO B 136 -1.16 -13.27 2.56
C PRO B 136 -0.82 -13.66 1.12
N THR B 137 0.18 -13.01 0.54
CA THR B 137 0.60 -13.32 -0.83
C THR B 137 2.12 -13.44 -0.90
N PRO B 138 2.70 -14.44 -0.22
CA PRO B 138 4.15 -14.64 -0.21
C PRO B 138 4.82 -14.81 -1.58
N SER B 139 4.09 -15.30 -2.58
CA SER B 139 4.67 -15.50 -3.90
C SER B 139 4.62 -14.27 -4.80
N MET B 140 3.92 -13.23 -4.36
CA MET B 140 3.79 -11.99 -5.13
C MET B 140 3.55 -10.87 -4.13
N ILE B 141 4.54 -10.67 -3.28
CA ILE B 141 4.47 -9.67 -2.21
C ILE B 141 4.20 -8.23 -2.66
N GLY B 142 4.88 -7.78 -3.70
CA GLY B 142 4.67 -6.41 -4.17
C GLY B 142 3.25 -6.18 -4.64
N TYR B 143 2.72 -7.13 -5.41
CA TYR B 143 1.35 -7.04 -5.93
C TYR B 143 0.38 -6.97 -4.76
N GLY B 144 0.60 -7.83 -3.76
CA GLY B 144 -0.25 -7.89 -2.59
C GLY B 144 -0.27 -6.58 -1.83
N MET B 145 0.90 -5.97 -1.64
CA MET B 145 1.03 -4.70 -0.92
C MET B 145 0.28 -3.59 -1.61
N ALA B 146 0.52 -3.46 -2.91
CA ALA B 146 -0.11 -2.44 -3.73
C ALA B 146 -1.62 -2.56 -3.70
N LYS B 147 -2.12 -3.77 -3.94
CA LYS B 147 -3.56 -3.96 -3.93
C LYS B 147 -4.17 -3.74 -2.54
N ALA B 148 -3.45 -4.10 -1.48
CA ALA B 148 -3.97 -3.88 -0.13
C ALA B 148 -4.13 -2.39 0.12
N ALA B 149 -3.23 -1.60 -0.47
CA ALA B 149 -3.29 -0.15 -0.31
C ALA B 149 -4.55 0.38 -1.01
N VAL B 150 -4.88 -0.21 -2.15
CA VAL B 150 -6.08 0.21 -2.90
C VAL B 150 -7.32 -0.17 -2.10
N HIS B 151 -7.28 -1.31 -1.41
CA HIS B 151 -8.41 -1.73 -0.59
C HIS B 151 -8.60 -0.73 0.55
N HIS B 152 -7.50 -0.28 1.15
CA HIS B 152 -7.61 0.67 2.25
C HIS B 152 -8.08 2.02 1.74
N LEU B 153 -7.54 2.44 0.61
CA LEU B 153 -7.93 3.70 -0.02
C LEU B 153 -9.46 3.72 -0.17
N THR B 154 -10.00 2.57 -0.58
CA THR B 154 -11.45 2.44 -0.76
C THR B 154 -12.21 2.75 0.52
N SER B 155 -11.76 2.19 1.64
CA SER B 155 -12.41 2.42 2.92
C SER B 155 -12.35 3.88 3.34
N SER B 156 -11.22 4.54 3.04
CA SER B 156 -11.06 5.95 3.40
C SER B 156 -11.96 6.86 2.57
N LEU B 157 -12.02 6.59 1.27
CA LEU B 157 -12.85 7.38 0.36
C LEU B 157 -14.33 7.30 0.69
N ALA B 158 -14.78 6.12 1.12
CA ALA B 158 -16.19 5.91 1.45
C ALA B 158 -16.62 6.65 2.70
N ALA B 159 -15.67 6.97 3.57
CA ALA B 159 -15.96 7.67 4.81
C ALA B 159 -16.32 9.13 4.57
N LYS B 160 -17.04 9.72 5.52
CA LYS B 160 -17.44 11.11 5.40
C LYS B 160 -16.21 12.01 5.40
N ASP B 161 -16.31 13.13 4.68
CA ASP B 161 -15.24 14.11 4.57
C ASP B 161 -13.96 13.63 3.89
N SER B 162 -14.07 12.60 3.05
CA SER B 162 -12.92 12.09 2.32
C SER B 162 -12.60 13.01 1.15
N GLY B 163 -13.60 13.78 0.73
CA GLY B 163 -13.38 14.67 -0.40
C GLY B 163 -14.27 14.32 -1.57
N LEU B 164 -14.80 13.10 -1.59
CA LEU B 164 -15.69 12.70 -2.67
C LEU B 164 -16.99 13.49 -2.57
N PRO B 165 -17.68 13.69 -3.70
CA PRO B 165 -18.94 14.46 -3.69
C PRO B 165 -20.04 13.87 -2.82
N ASP B 166 -20.97 14.74 -2.39
CA ASP B 166 -22.06 14.31 -1.55
C ASP B 166 -22.88 13.18 -2.19
N ASN B 167 -23.23 12.19 -1.37
CA ASN B 167 -24.03 11.05 -1.82
C ASN B 167 -23.42 10.17 -2.90
N SER B 168 -22.12 10.34 -3.18
CA SER B 168 -21.47 9.51 -4.18
C SER B 168 -21.14 8.17 -3.53
N ALA B 169 -20.79 7.18 -4.34
CA ALA B 169 -20.43 5.87 -3.82
C ALA B 169 -19.13 5.40 -4.46
N VAL B 170 -18.36 4.62 -3.72
CA VAL B 170 -17.13 4.05 -4.24
C VAL B 170 -17.26 2.53 -4.10
N LEU B 171 -17.03 1.82 -5.19
CA LEU B 171 -17.12 0.36 -5.18
C LEU B 171 -15.85 -0.20 -5.77
N THR B 172 -15.32 -1.25 -5.18
CA THR B 172 -14.09 -1.85 -5.66
C THR B 172 -14.31 -3.31 -6.02
N ILE B 173 -14.07 -3.67 -7.28
CA ILE B 173 -14.28 -5.03 -7.75
C ILE B 173 -13.06 -5.94 -7.62
N MET B 174 -13.33 -7.23 -7.38
CA MET B 174 -12.28 -8.22 -7.23
C MET B 174 -12.68 -9.52 -7.93
N PRO B 175 -12.61 -9.54 -9.28
CA PRO B 175 -12.96 -10.75 -10.02
C PRO B 175 -11.85 -11.80 -9.95
N VAL B 176 -12.24 -13.05 -9.71
CA VAL B 176 -11.28 -14.16 -9.62
C VAL B 176 -10.73 -14.51 -11.00
N THR B 177 -11.63 -14.63 -11.97
CA THR B 177 -11.23 -14.96 -13.34
C THR B 177 -12.10 -14.26 -14.38
N LEU B 178 -11.47 -13.47 -15.24
CA LEU B 178 -12.20 -12.78 -16.30
C LEU B 178 -11.92 -13.46 -17.63
N ASP B 179 -12.92 -13.48 -18.51
CA ASP B 179 -12.73 -14.08 -19.83
C ASP B 179 -12.04 -13.04 -20.72
N THR B 180 -10.75 -13.22 -20.94
CA THR B 180 -9.97 -12.31 -21.77
C THR B 180 -9.21 -13.09 -22.83
N PRO B 181 -8.75 -12.42 -23.89
CA PRO B 181 -7.99 -13.11 -24.94
C PRO B 181 -6.75 -13.81 -24.39
N MET B 182 -6.03 -13.13 -23.51
CA MET B 182 -4.82 -13.71 -22.92
C MET B 182 -5.10 -14.97 -22.11
N ASN B 183 -6.21 -14.99 -21.37
CA ASN B 183 -6.51 -16.18 -20.59
C ASN B 183 -6.87 -17.34 -21.50
N ARG B 184 -7.55 -17.05 -22.60
CA ARG B 184 -7.93 -18.08 -23.55
C ARG B 184 -6.68 -18.67 -24.22
N LYS B 185 -5.63 -17.86 -24.33
CA LYS B 185 -4.39 -18.31 -24.97
C LYS B 185 -3.49 -19.15 -24.07
N TRP B 186 -3.32 -18.70 -22.83
CA TRP B 186 -2.44 -19.38 -21.89
C TRP B 186 -3.07 -20.52 -21.11
N MET B 187 -4.41 -20.55 -21.03
CA MET B 187 -5.13 -21.63 -20.35
C MET B 187 -6.21 -22.08 -21.33
N PRO B 188 -5.79 -22.59 -22.51
CA PRO B 188 -6.66 -23.06 -23.58
C PRO B 188 -7.68 -24.16 -23.28
N ASN B 189 -7.40 -25.00 -22.30
CA ASN B 189 -8.32 -26.09 -21.98
C ASN B 189 -9.07 -25.94 -20.67
N ALA B 190 -9.13 -24.72 -20.16
CA ALA B 190 -9.84 -24.46 -18.92
C ALA B 190 -11.34 -24.51 -19.17
N ASP B 191 -12.10 -24.78 -18.11
CA ASP B 191 -13.56 -24.82 -18.19
C ASP B 191 -14.09 -23.41 -18.01
N HIS B 192 -14.64 -22.84 -19.07
CA HIS B 192 -15.16 -21.47 -18.99
C HIS B 192 -16.42 -21.30 -18.16
N SER B 193 -16.95 -22.39 -17.62
CA SER B 193 -18.16 -22.29 -16.79
C SER B 193 -17.82 -21.57 -15.49
N SER B 194 -16.53 -21.33 -15.26
CA SER B 194 -16.09 -20.64 -14.05
C SER B 194 -15.44 -19.30 -14.38
N TRP B 195 -15.61 -18.84 -15.63
CA TRP B 195 -15.04 -17.58 -16.09
C TRP B 195 -16.09 -16.48 -16.16
N THR B 196 -15.80 -15.34 -15.56
CA THR B 196 -16.73 -14.21 -15.55
C THR B 196 -16.67 -13.43 -16.86
N PRO B 197 -17.82 -13.30 -17.55
CA PRO B 197 -17.85 -12.56 -18.82
C PRO B 197 -17.66 -11.07 -18.56
N LEU B 198 -16.92 -10.40 -19.43
CA LEU B 198 -16.69 -8.96 -19.24
C LEU B 198 -18.01 -8.22 -19.20
N SER B 199 -18.99 -8.71 -19.95
CA SER B 199 -20.31 -8.07 -19.99
C SER B 199 -20.96 -7.97 -18.62
N PHE B 200 -20.71 -8.96 -17.77
CA PHE B 200 -21.29 -8.96 -16.42
C PHE B 200 -20.85 -7.69 -15.69
N ILE B 201 -19.59 -7.33 -15.83
CA ILE B 201 -19.06 -6.14 -15.18
C ILE B 201 -19.59 -4.86 -15.83
N SER B 202 -19.53 -4.79 -17.15
CA SER B 202 -20.02 -3.61 -17.85
C SER B 202 -21.49 -3.35 -17.52
N GLU B 203 -22.29 -4.41 -17.53
CA GLU B 203 -23.71 -4.28 -17.22
C GLU B 203 -23.95 -3.76 -15.81
N HIS B 204 -23.19 -4.24 -14.84
CA HIS B 204 -23.35 -3.78 -13.48
C HIS B 204 -22.91 -2.35 -13.29
N LEU B 205 -21.86 -1.93 -14.00
CA LEU B 205 -21.41 -0.54 -13.88
C LEU B 205 -22.48 0.41 -14.41
N LEU B 206 -23.12 0.05 -15.51
CA LEU B 206 -24.17 0.92 -16.06
C LEU B 206 -25.34 0.97 -15.08
N LYS B 207 -25.69 -0.18 -14.52
CA LYS B 207 -26.80 -0.24 -13.57
C LYS B 207 -26.51 0.61 -12.34
N TRP B 208 -25.32 0.45 -11.76
CA TRP B 208 -24.94 1.20 -10.58
C TRP B 208 -24.82 2.70 -10.86
N THR B 209 -24.49 3.05 -12.10
CA THR B 209 -24.35 4.46 -12.45
C THR B 209 -25.71 5.14 -12.58
N THR B 210 -26.69 4.43 -13.13
CA THR B 210 -28.02 5.00 -13.34
C THR B 210 -29.05 4.73 -12.25
N GLU B 211 -28.82 3.72 -11.43
CA GLU B 211 -29.76 3.38 -10.35
C GLU B 211 -29.04 3.28 -9.01
N THR B 212 -29.05 4.35 -8.24
CA THR B 212 -28.37 4.34 -6.94
C THR B 212 -28.86 3.26 -5.99
N SER B 213 -30.15 2.94 -6.05
CA SER B 213 -30.71 1.92 -5.17
C SER B 213 -30.23 0.50 -5.47
N SER B 214 -29.60 0.32 -6.64
CA SER B 214 -29.10 -1.00 -7.02
C SER B 214 -27.68 -1.22 -6.52
N ARG B 215 -27.10 -0.19 -5.91
CA ARG B 215 -25.72 -0.26 -5.42
C ARG B 215 -25.46 -0.95 -4.09
N PRO B 216 -24.34 -1.68 -4.00
CA PRO B 216 -24.01 -2.35 -2.75
C PRO B 216 -23.56 -1.18 -1.85
N SER B 217 -23.27 -1.45 -0.58
CA SER B 217 -22.83 -0.37 0.32
C SER B 217 -21.56 0.33 -0.18
N SER B 218 -21.48 1.64 -0.02
CA SER B 218 -20.29 2.37 -0.47
C SER B 218 -19.09 1.88 0.32
N GLY B 219 -17.99 1.64 -0.38
CA GLY B 219 -16.77 1.15 0.27
C GLY B 219 -16.63 -0.36 0.17
N ALA B 220 -17.62 -1.03 -0.42
CA ALA B 220 -17.60 -2.48 -0.54
C ALA B 220 -16.47 -3.04 -1.41
N LEU B 221 -15.90 -4.17 -0.97
CA LEU B 221 -14.87 -4.88 -1.73
C LEU B 221 -15.68 -6.04 -2.28
N LEU B 222 -15.93 -6.01 -3.58
CA LEU B 222 -16.78 -7.01 -4.23
C LEU B 222 -16.09 -8.17 -4.95
N LYS B 223 -16.08 -9.34 -4.30
CA LYS B 223 -15.47 -10.52 -4.93
C LYS B 223 -16.47 -11.05 -5.94
N ILE B 224 -16.00 -11.31 -7.16
CA ILE B 224 -16.88 -11.81 -8.19
C ILE B 224 -16.44 -13.18 -8.67
N THR B 225 -17.34 -14.14 -8.54
CA THR B 225 -17.07 -15.51 -8.92
C THR B 225 -18.14 -16.05 -9.86
N THR B 226 -17.77 -17.00 -10.71
CA THR B 226 -18.69 -17.61 -11.65
C THR B 226 -18.60 -19.12 -11.53
N GLU B 227 -19.74 -19.78 -11.46
CA GLU B 227 -19.79 -21.23 -11.33
C GLU B 227 -20.97 -21.76 -12.11
N ASN B 228 -20.72 -22.75 -12.97
CA ASN B 228 -21.78 -23.34 -13.78
C ASN B 228 -22.42 -22.29 -14.69
N GLY B 229 -21.64 -21.27 -15.04
CA GLY B 229 -22.13 -20.20 -15.89
C GLY B 229 -22.81 -19.05 -15.18
N THR B 230 -23.04 -19.18 -13.89
CA THR B 230 -23.68 -18.12 -13.12
C THR B 230 -22.67 -17.33 -12.29
N SER B 231 -22.76 -16.00 -12.37
CA SER B 231 -21.86 -15.11 -11.65
C SER B 231 -22.50 -14.59 -10.36
N THR B 232 -21.71 -14.50 -9.31
CA THR B 232 -22.18 -14.02 -8.01
C THR B 232 -21.25 -12.93 -7.47
N ILE B 233 -21.84 -11.89 -6.87
CA ILE B 233 -21.09 -10.79 -6.29
C ILE B 233 -21.19 -10.91 -4.78
N THR B 234 -20.05 -11.02 -4.10
CA THR B 234 -20.04 -11.17 -2.66
C THR B 234 -19.19 -10.12 -1.94
N PRO B 235 -19.84 -9.18 -1.21
CA PRO B 235 -19.11 -8.14 -0.49
C PRO B 235 -18.29 -8.79 0.62
N GLN B 236 -17.09 -8.26 0.87
CA GLN B 236 -16.23 -8.80 1.91
C GLN B 236 -16.51 -8.15 3.26
#